data_9QU4
#
_entry.id   9QU4
#
_cell.length_a   1.00
_cell.length_b   1.00
_cell.length_c   1.00
_cell.angle_alpha   90.00
_cell.angle_beta   90.00
_cell.angle_gamma   90.00
#
_symmetry.space_group_name_H-M   'P 1'
#
loop_
_entity.id
_entity.type
_entity.pdbx_description
1 polymer 'Immunoglobulin G-binding protein A,Choline/ethanolamine transporter FLVCR2'
2 non-polymer 'CHOLINE ION'
#
_entity_poly.entity_id   1
_entity_poly.type   'polypeptide(L)'
_entity_poly.pdbx_seq_one_letter_code
;MGPMVNENKEQQNAFYEILSLPNLNEEQRNAFIQSLKDDPSQSANLLAEAKKLNEQQAAFYEILHLPNLNEEQRNAFIQS
LKDDPSQSANLLAEAKKLNEQQAAFYEILHLPNLNEEQRNAFIQSLKDDPSQSANLLAEAKKLNELQKRRWAVVLVFSCY
SMCNSFQWIQYGSINNIFMHFYGVSAFAIDWLSMCYMLTYIPLLLPVAWLLEKFGLRTIALTGSALNCLGAWVKLGSLKP
HLFPVTVVGQLICSVAQVFILGMPSRIASVWFGANEVSTACSVAVFGNQLGIAIGFLVPPVLVPNIEDRDELAYHISIMF
YIIGGVATLLLILVIIVFKEKPKYPPSRAQSLSYALTSPDASYLGSIARLFKNLNFVLLVITYGLNAGAFYALSTLLNRM
VIWHYPGEEVNAGRIGLTIVIAGMLGAVISGIWLDRSKTYKETTLVVYIMTLVGMVVYTFTLNLGHLWVVFITAGTMGFF
MTGYLPLGFEFAVELTYPESEGISSGLLNISAQVFGIIFTISQGQIIDNYGTKPGNIFLCVFLTLGAALTAFIKADLRRQ
KANKETLENKLQEEEEESNTSKVPTAVSEDHLGLVPR
;
_entity_poly.pdbx_strand_id   A
#
# COMPACT_ATOMS: atom_id res chain seq x y z
N ARG A 149 1.93 -13.65 -24.51
CA ARG A 149 2.99 -13.17 -23.59
C ARG A 149 2.47 -12.03 -22.73
N ARG A 150 1.48 -11.31 -23.26
CA ARG A 150 1.00 -10.10 -22.60
C ARG A 150 0.58 -10.36 -21.16
N TRP A 151 0.07 -11.56 -20.86
CA TRP A 151 -0.34 -11.87 -19.51
C TRP A 151 0.80 -12.42 -18.66
N ALA A 152 1.84 -12.99 -19.28
CA ALA A 152 3.02 -13.36 -18.52
C ALA A 152 3.67 -12.13 -17.90
N VAL A 153 3.74 -11.03 -18.65
CA VAL A 153 4.30 -9.80 -18.13
C VAL A 153 3.49 -9.31 -16.93
N VAL A 154 2.17 -9.34 -17.03
CA VAL A 154 1.34 -8.88 -15.93
C VAL A 154 1.50 -9.79 -14.72
N LEU A 155 1.55 -11.10 -14.92
CA LEU A 155 1.68 -12.02 -13.81
C LEU A 155 3.05 -11.98 -13.16
N VAL A 156 4.07 -11.52 -13.89
CA VAL A 156 5.39 -11.33 -13.29
C VAL A 156 5.47 -10.01 -12.57
N PHE A 157 4.92 -8.94 -13.16
CA PHE A 157 4.91 -7.65 -12.47
C PHE A 157 4.12 -7.72 -11.19
N SER A 158 2.95 -8.38 -11.22
CA SER A 158 2.16 -8.54 -10.01
C SER A 158 2.95 -9.29 -8.95
N CYS A 159 3.64 -10.36 -9.35
CA CYS A 159 4.38 -11.17 -8.39
C CYS A 159 5.51 -10.38 -7.74
N TYR A 160 6.25 -9.59 -8.52
CA TYR A 160 7.40 -8.93 -7.92
C TYR A 160 7.01 -7.64 -7.21
N SER A 161 5.90 -7.00 -7.60
CA SER A 161 5.33 -5.97 -6.73
C SER A 161 4.82 -6.59 -5.42
N MET A 162 4.27 -7.81 -5.49
CA MET A 162 3.91 -8.53 -4.28
C MET A 162 5.11 -8.74 -3.38
N CYS A 163 6.23 -9.16 -3.97
CA CYS A 163 7.45 -9.33 -3.19
C CYS A 163 7.89 -8.02 -2.56
N ASN A 164 7.82 -6.91 -3.32
CA ASN A 164 8.21 -5.62 -2.76
C ASN A 164 7.32 -5.20 -1.61
N SER A 165 6.01 -5.41 -1.72
CA SER A 165 5.11 -5.07 -0.62
C SER A 165 5.31 -5.97 0.60
N PHE A 166 5.59 -7.25 0.37
CA PHE A 166 6.00 -8.12 1.46
C PHE A 166 7.21 -7.52 2.17
N GLN A 167 8.19 -7.05 1.40
CA GLN A 167 9.35 -6.41 2.00
C GLN A 167 8.98 -5.13 2.74
N TRP A 168 7.93 -4.44 2.30
CA TRP A 168 7.45 -3.28 3.05
C TRP A 168 6.97 -3.69 4.42
N ILE A 169 6.07 -4.67 4.49
CA ILE A 169 5.30 -4.92 5.71
C ILE A 169 5.89 -6.03 6.57
N GLN A 170 6.97 -6.69 6.12
CA GLN A 170 7.53 -7.78 6.90
C GLN A 170 8.01 -7.33 8.27
N TYR A 171 8.38 -6.06 8.41
CA TYR A 171 8.87 -5.57 9.69
C TYR A 171 7.72 -5.21 10.62
N GLY A 172 6.77 -4.42 10.14
CA GLY A 172 5.60 -4.10 10.95
C GLY A 172 4.73 -5.28 11.27
N SER A 173 4.90 -6.40 10.56
CA SER A 173 4.12 -7.59 10.87
C SER A 173 4.64 -8.30 12.12
N ILE A 174 5.94 -8.24 12.38
CA ILE A 174 6.53 -8.83 13.58
C ILE A 174 7.27 -7.74 14.35
N ASN A 175 6.71 -6.52 14.31
CA ASN A 175 7.34 -5.38 14.95
C ASN A 175 7.99 -5.72 16.29
N ASN A 176 7.26 -6.41 17.17
CA ASN A 176 7.78 -6.67 18.50
C ASN A 176 8.98 -7.60 18.47
N ILE A 177 8.94 -8.62 17.62
CA ILE A 177 10.05 -9.56 17.54
C ILE A 177 11.31 -8.84 17.08
N PHE A 178 11.17 -7.99 16.06
CA PHE A 178 12.33 -7.23 15.59
C PHE A 178 12.82 -6.25 16.66
N MET A 179 11.91 -5.62 17.39
CA MET A 179 12.33 -4.77 18.50
C MET A 179 13.24 -5.55 19.43
N HIS A 180 12.78 -6.73 19.85
CA HIS A 180 13.58 -7.51 20.79
C HIS A 180 14.91 -7.92 20.17
N PHE A 181 14.90 -8.34 18.91
CA PHE A 181 16.13 -8.81 18.27
C PHE A 181 17.15 -7.68 18.18
N TYR A 182 16.83 -6.63 17.41
CA TYR A 182 17.78 -5.55 17.20
C TYR A 182 18.02 -4.72 18.44
N GLY A 183 17.14 -4.81 19.45
CA GLY A 183 17.29 -4.01 20.64
C GLY A 183 16.86 -2.56 20.48
N VAL A 184 16.16 -2.24 19.41
CA VAL A 184 15.71 -0.87 19.16
C VAL A 184 14.27 -0.72 19.63
N SER A 185 13.87 0.52 19.87
CA SER A 185 12.51 0.80 20.28
C SER A 185 11.55 0.62 19.11
N ALA A 186 10.25 0.58 19.42
CA ALA A 186 9.25 0.41 18.38
C ALA A 186 9.39 1.47 17.31
N PHE A 187 9.76 2.69 17.70
CA PHE A 187 9.84 3.79 16.75
C PHE A 187 10.86 3.49 15.65
N ALA A 188 12.02 2.97 16.02
CA ALA A 188 13.05 2.70 15.03
C ALA A 188 12.58 1.66 14.02
N ILE A 189 11.98 0.57 14.49
CA ILE A 189 11.41 -0.42 13.59
C ILE A 189 10.19 0.11 12.86
N ASP A 190 9.47 1.07 13.45
CA ASP A 190 8.39 1.72 12.75
C ASP A 190 8.86 2.47 11.51
N TRP A 191 10.11 2.94 11.50
CA TRP A 191 10.63 3.71 10.38
C TRP A 191 11.03 2.85 9.21
N LEU A 192 11.20 1.54 9.41
CA LEU A 192 11.42 0.65 8.27
C LEU A 192 10.16 0.49 7.43
N SER A 193 9.02 1.00 7.89
CA SER A 193 7.80 1.04 7.10
C SER A 193 7.53 2.42 6.51
N MET A 194 7.90 3.49 7.20
CA MET A 194 7.78 4.83 6.64
C MET A 194 8.91 5.17 5.69
N CYS A 195 9.94 4.32 5.58
CA CYS A 195 10.96 4.53 4.56
C CYS A 195 10.33 4.52 3.17
N TYR A 196 9.41 3.58 2.94
CA TYR A 196 8.70 3.52 1.66
C TYR A 196 7.99 4.84 1.36
N MET A 197 7.20 5.32 2.32
CA MET A 197 6.43 6.54 2.09
C MET A 197 7.34 7.74 1.88
N LEU A 198 8.41 7.85 2.69
CA LEU A 198 9.31 8.98 2.55
C LEU A 198 10.02 8.96 1.21
N THR A 199 10.44 7.78 0.75
CA THR A 199 11.19 7.70 -0.50
C THR A 199 10.28 7.82 -1.72
N TYR A 200 8.99 7.53 -1.58
CA TYR A 200 8.11 7.60 -2.75
C TYR A 200 8.00 9.02 -3.29
N ILE A 201 7.88 10.01 -2.41
CA ILE A 201 7.58 11.37 -2.84
C ILE A 201 8.72 11.93 -3.68
N PRO A 202 9.92 12.12 -3.14
CA PRO A 202 10.96 12.79 -3.94
C PRO A 202 11.32 12.07 -5.21
N LEU A 203 11.20 10.75 -5.26
CA LEU A 203 11.68 9.97 -6.40
C LEU A 203 10.63 9.76 -7.48
N LEU A 204 9.38 10.20 -7.27
CA LEU A 204 8.35 9.94 -8.27
C LEU A 204 8.68 10.62 -9.59
N LEU A 205 8.97 11.92 -9.56
CA LEU A 205 9.24 12.65 -10.79
C LEU A 205 10.44 12.08 -11.54
N PRO A 206 11.59 11.84 -10.90
CA PRO A 206 12.69 11.17 -11.62
C PRO A 206 12.27 9.85 -12.22
N VAL A 207 11.41 9.10 -11.54
CA VAL A 207 10.96 7.82 -12.08
C VAL A 207 10.16 8.04 -13.36
N ALA A 208 9.26 9.02 -13.35
CA ALA A 208 8.49 9.29 -14.57
C ALA A 208 9.40 9.73 -15.70
N TRP A 209 10.39 10.57 -15.40
CA TRP A 209 11.33 10.99 -16.43
C TRP A 209 12.09 9.80 -17.00
N LEU A 210 12.57 8.92 -16.14
CA LEU A 210 13.31 7.75 -16.60
C LEU A 210 12.42 6.86 -17.45
N LEU A 211 11.16 6.69 -17.05
CA LEU A 211 10.24 5.88 -17.84
C LEU A 211 10.06 6.49 -19.23
N GLU A 212 9.72 7.78 -19.28
CA GLU A 212 9.47 8.41 -20.58
C GLU A 212 10.73 8.49 -21.44
N LYS A 213 11.92 8.41 -20.84
CA LYS A 213 13.15 8.50 -21.61
C LYS A 213 13.73 7.15 -22.00
N PHE A 214 13.41 6.08 -21.29
CA PHE A 214 14.06 4.78 -21.53
C PHE A 214 13.11 3.66 -21.90
N GLY A 215 11.83 3.74 -21.54
CA GLY A 215 10.89 2.68 -21.85
C GLY A 215 10.58 1.81 -20.65
N LEU A 216 9.60 0.93 -20.84
CA LEU A 216 9.11 0.11 -19.73
C LEU A 216 10.03 -1.07 -19.43
N ARG A 217 10.71 -1.61 -20.45
CA ARG A 217 11.60 -2.75 -20.22
C ARG A 217 12.65 -2.40 -19.17
N THR A 218 13.37 -1.30 -19.38
CA THR A 218 14.46 -0.95 -18.47
C THR A 218 13.93 -0.52 -17.11
N ILE A 219 12.77 0.13 -17.05
CA ILE A 219 12.22 0.51 -15.76
C ILE A 219 11.85 -0.73 -14.94
N ALA A 220 11.20 -1.70 -15.59
CA ALA A 220 10.86 -2.93 -14.88
C ALA A 220 12.11 -3.70 -14.46
N LEU A 221 13.11 -3.75 -15.34
CA LEU A 221 14.36 -4.43 -14.99
C LEU A 221 15.02 -3.75 -13.79
N THR A 222 15.06 -2.43 -13.79
CA THR A 222 15.65 -1.71 -12.66
C THR A 222 14.86 -1.93 -11.38
N GLY A 223 13.54 -1.91 -11.47
CA GLY A 223 12.73 -2.16 -10.28
C GLY A 223 13.00 -3.52 -9.69
N SER A 224 13.02 -4.56 -10.53
CA SER A 224 13.27 -5.90 -10.03
C SER A 224 14.70 -6.03 -9.50
N ALA A 225 15.67 -5.43 -10.18
CA ALA A 225 17.06 -5.52 -9.73
C ALA A 225 17.24 -4.84 -8.38
N LEU A 226 16.65 -3.66 -8.21
CA LEU A 226 16.74 -2.97 -6.92
C LEU A 226 16.01 -3.76 -5.84
N ASN A 227 14.87 -4.37 -6.16
CA ASN A 227 14.18 -5.20 -5.18
C ASN A 227 15.07 -6.35 -4.72
N CYS A 228 15.71 -7.04 -5.68
CA CYS A 228 16.58 -8.15 -5.33
C CYS A 228 17.76 -7.69 -4.49
N LEU A 229 18.39 -6.57 -4.89
CA LEU A 229 19.55 -6.07 -4.15
C LEU A 229 19.16 -5.66 -2.73
N GLY A 230 18.01 -5.01 -2.58
CA GLY A 230 17.56 -4.64 -1.26
C GLY A 230 17.22 -5.84 -0.40
N ALA A 231 16.60 -6.86 -0.99
CA ALA A 231 16.29 -8.06 -0.24
C ALA A 231 17.56 -8.74 0.25
N TRP A 232 18.56 -8.88 -0.63
CA TRP A 232 19.77 -9.60 -0.26
C TRP A 232 20.74 -8.77 0.56
N VAL A 233 20.63 -7.45 0.53
CA VAL A 233 21.49 -6.62 1.37
C VAL A 233 21.16 -6.84 2.83
N LYS A 234 19.88 -7.09 3.14
CA LYS A 234 19.46 -7.27 4.52
C LYS A 234 20.12 -8.48 5.18
N LEU A 235 20.63 -9.43 4.40
CA LEU A 235 21.24 -10.62 4.98
C LEU A 235 22.52 -10.31 5.73
N GLY A 236 23.08 -9.12 5.59
CA GLY A 236 24.16 -8.68 6.43
C GLY A 236 23.73 -8.15 7.77
N SER A 237 22.43 -8.15 8.05
CA SER A 237 21.88 -7.63 9.29
C SER A 237 21.49 -8.72 10.28
N LEU A 238 21.93 -9.95 10.04
CA LEU A 238 21.55 -11.06 10.91
C LEU A 238 22.37 -11.05 12.19
N LYS A 239 22.35 -9.92 12.89
CA LYS A 239 23.05 -9.76 14.15
C LYS A 239 22.38 -8.63 14.91
N PRO A 240 22.45 -8.64 16.25
CA PRO A 240 21.72 -7.61 17.02
C PRO A 240 22.24 -6.20 16.79
N HIS A 241 23.47 -6.04 16.30
CA HIS A 241 24.12 -4.74 16.19
C HIS A 241 24.32 -4.31 14.75
N LEU A 242 23.44 -4.72 13.85
CA LEU A 242 23.52 -4.37 12.44
C LEU A 242 22.18 -3.86 11.93
N PHE A 243 21.47 -3.09 12.76
CA PHE A 243 20.27 -2.42 12.27
C PHE A 243 20.55 -1.51 11.09
N PRO A 244 21.66 -0.75 11.05
CA PRO A 244 21.92 0.09 9.88
C PRO A 244 21.87 -0.66 8.56
N VAL A 245 22.37 -1.89 8.52
CA VAL A 245 22.26 -2.68 7.30
C VAL A 245 20.81 -2.91 6.91
N THR A 246 19.93 -3.20 7.87
CA THR A 246 18.51 -3.33 7.57
C THR A 246 17.89 -2.04 7.07
N VAL A 247 18.24 -0.90 7.67
CA VAL A 247 17.59 0.35 7.27
C VAL A 247 18.22 0.86 5.98
N VAL A 248 19.29 0.21 5.52
CA VAL A 248 19.84 0.47 4.19
C VAL A 248 19.16 -0.44 3.18
N GLY A 249 18.97 -1.71 3.55
CA GLY A 249 18.26 -2.62 2.68
C GLY A 249 16.84 -2.16 2.42
N GLN A 250 16.17 -1.65 3.46
CA GLN A 250 14.81 -1.15 3.30
C GLN A 250 14.80 0.10 2.44
N LEU A 251 15.82 0.96 2.55
CA LEU A 251 15.90 2.10 1.66
C LEU A 251 16.03 1.66 0.21
N ILE A 252 16.90 0.69 -0.05
CA ILE A 252 17.05 0.19 -1.42
C ILE A 252 15.76 -0.41 -1.92
N CYS A 253 15.03 -1.12 -1.04
CA CYS A 253 13.74 -1.67 -1.43
C CYS A 253 12.74 -0.57 -1.73
N SER A 254 12.73 0.49 -0.92
CA SER A 254 11.80 1.60 -1.14
C SER A 254 12.08 2.28 -2.47
N VAL A 255 13.34 2.45 -2.82
CA VAL A 255 13.67 3.02 -4.13
C VAL A 255 13.08 2.16 -5.23
N ALA A 256 13.09 0.84 -5.05
CA ALA A 256 12.48 -0.04 -6.03
C ALA A 256 10.99 0.21 -6.15
N GLN A 257 10.31 0.43 -5.01
CA GLN A 257 8.86 0.61 -5.04
C GLN A 257 8.45 1.72 -6.00
N VAL A 258 9.24 2.80 -6.06
CA VAL A 258 8.87 3.93 -6.90
C VAL A 258 8.74 3.50 -8.34
N PHE A 259 9.47 2.47 -8.76
CA PHE A 259 9.36 1.88 -10.08
C PHE A 259 8.26 0.83 -10.17
N ILE A 260 7.29 0.84 -9.26
CA ILE A 260 6.24 -0.17 -9.23
C ILE A 260 4.87 0.46 -9.38
N LEU A 261 4.50 1.32 -8.43
CA LEU A 261 3.12 1.74 -8.30
C LEU A 261 2.62 2.48 -9.55
N GLY A 262 3.50 3.17 -10.25
CA GLY A 262 3.09 3.91 -11.44
C GLY A 262 3.13 3.09 -12.72
N MET A 263 3.84 1.97 -12.71
CA MET A 263 3.95 1.14 -13.91
C MET A 263 2.62 0.56 -14.38
N PRO A 264 1.76 0.01 -13.51
CA PRO A 264 0.66 -0.82 -14.03
C PRO A 264 -0.20 -0.12 -15.06
N SER A 265 -0.43 1.19 -14.92
CA SER A 265 -1.19 1.91 -15.93
C SER A 265 -0.51 1.82 -17.28
N ARG A 266 0.81 2.07 -17.32
CA ARG A 266 1.54 2.01 -18.58
C ARG A 266 1.62 0.58 -19.10
N ILE A 267 1.77 -0.39 -18.21
CA ILE A 267 1.79 -1.80 -18.64
C ILE A 267 0.49 -2.13 -19.35
N ALA A 268 -0.64 -1.76 -18.74
CA ALA A 268 -1.93 -2.03 -19.37
C ALA A 268 -2.07 -1.27 -20.69
N SER A 269 -1.62 -0.02 -20.72
CA SER A 269 -1.78 0.78 -21.93
C SER A 269 -0.99 0.18 -23.09
N VAL A 270 0.22 -0.31 -22.83
CA VAL A 270 1.10 -0.75 -23.90
C VAL A 270 0.85 -2.21 -24.28
N TRP A 271 0.53 -3.07 -23.32
CA TRP A 271 0.33 -4.48 -23.59
C TRP A 271 -1.11 -4.88 -23.85
N PHE A 272 -2.07 -3.98 -23.63
CA PHE A 272 -3.48 -4.32 -23.72
C PHE A 272 -4.24 -3.24 -24.45
N GLY A 273 -5.38 -3.63 -25.02
CA GLY A 273 -6.29 -2.70 -25.66
C GLY A 273 -7.33 -2.16 -24.69
N ALA A 274 -8.38 -1.58 -25.26
CA ALA A 274 -9.45 -1.02 -24.44
C ALA A 274 -10.23 -2.10 -23.72
N ASN A 275 -10.41 -3.27 -24.35
CA ASN A 275 -11.20 -4.33 -23.76
C ASN A 275 -10.50 -5.03 -22.60
N GLU A 276 -9.21 -4.77 -22.39
CA GLU A 276 -8.48 -5.44 -21.32
C GLU A 276 -7.59 -4.49 -20.51
N VAL A 277 -7.70 -3.18 -20.70
CA VAL A 277 -6.83 -2.27 -19.98
C VAL A 277 -7.13 -2.30 -18.48
N SER A 278 -8.41 -2.30 -18.11
CA SER A 278 -8.76 -2.22 -16.70
C SER A 278 -8.33 -3.46 -15.94
N THR A 279 -8.49 -4.64 -16.55
CA THR A 279 -8.20 -5.88 -15.84
C THR A 279 -6.73 -5.97 -15.46
N ALA A 280 -5.83 -5.51 -16.33
CA ALA A 280 -4.40 -5.57 -16.01
C ALA A 280 -4.06 -4.71 -14.82
N CYS A 281 -4.58 -3.47 -14.79
CA CYS A 281 -4.32 -2.59 -13.66
C CYS A 281 -4.91 -3.17 -12.38
N SER A 282 -6.12 -3.71 -12.46
CA SER A 282 -6.72 -4.31 -11.28
C SER A 282 -5.89 -5.49 -10.79
N VAL A 283 -5.37 -6.30 -11.71
CA VAL A 283 -4.56 -7.45 -11.32
C VAL A 283 -3.28 -6.98 -10.64
N ALA A 284 -2.65 -5.93 -11.16
CA ALA A 284 -1.44 -5.42 -10.54
C ALA A 284 -1.71 -4.91 -9.13
N VAL A 285 -2.79 -4.14 -8.96
CA VAL A 285 -3.13 -3.63 -7.64
C VAL A 285 -3.43 -4.78 -6.69
N PHE A 286 -4.15 -5.80 -7.16
CA PHE A 286 -4.44 -6.95 -6.31
C PHE A 286 -3.18 -7.73 -5.98
N GLY A 287 -2.22 -7.78 -6.89
CA GLY A 287 -0.95 -8.41 -6.57
C GLY A 287 -0.23 -7.67 -5.46
N ASN A 288 -0.22 -6.34 -5.51
CA ASN A 288 0.40 -5.57 -4.45
C ASN A 288 -0.31 -5.79 -3.11
N GLN A 289 -1.64 -5.77 -3.13
CA GLN A 289 -2.40 -5.99 -1.89
C GLN A 289 -2.16 -7.40 -1.34
N LEU A 290 -2.13 -8.40 -2.21
CA LEU A 290 -1.82 -9.75 -1.76
C LEU A 290 -0.40 -9.83 -1.21
N GLY A 291 0.52 -9.03 -1.74
CA GLY A 291 1.83 -8.94 -1.15
C GLY A 291 1.78 -8.42 0.28
N ILE A 292 0.98 -7.38 0.50
CA ILE A 292 0.81 -6.88 1.87
C ILE A 292 0.25 -7.98 2.77
N ALA A 293 -0.76 -8.69 2.28
CA ALA A 293 -1.39 -9.73 3.09
C ALA A 293 -0.41 -10.85 3.42
N ILE A 294 0.38 -11.29 2.44
CA ILE A 294 1.33 -12.36 2.68
C ILE A 294 2.42 -11.89 3.64
N GLY A 295 2.84 -10.63 3.53
CA GLY A 295 3.81 -10.11 4.47
C GLY A 295 3.25 -9.98 5.87
N PHE A 296 1.93 -9.84 5.98
CA PHE A 296 1.30 -9.85 7.30
C PHE A 296 1.20 -11.27 7.86
N LEU A 297 1.02 -12.26 6.99
CA LEU A 297 0.75 -13.61 7.47
C LEU A 297 2.02 -14.43 7.71
N VAL A 298 3.02 -14.33 6.84
CA VAL A 298 4.14 -15.26 6.82
C VAL A 298 5.16 -15.01 7.92
N PRO A 299 5.60 -13.76 8.14
CA PRO A 299 6.66 -13.52 9.12
C PRO A 299 6.34 -14.11 10.48
N PRO A 300 5.16 -13.84 11.05
CA PRO A 300 4.89 -14.33 12.40
C PRO A 300 4.88 -15.84 12.51
N VAL A 301 4.67 -16.57 11.42
CA VAL A 301 4.74 -18.03 11.48
C VAL A 301 6.17 -18.52 11.24
N LEU A 302 6.97 -17.76 10.49
CA LEU A 302 8.35 -18.17 10.25
C LEU A 302 9.33 -17.62 11.28
N VAL A 303 8.89 -16.74 12.18
CA VAL A 303 9.78 -16.07 13.12
C VAL A 303 9.20 -16.10 14.52
N PRO A 304 9.28 -17.21 15.25
CA PRO A 304 8.69 -17.25 16.59
C PRO A 304 9.36 -16.25 17.52
N ASN A 305 8.59 -15.77 18.50
CA ASN A 305 9.07 -14.79 19.48
C ASN A 305 9.79 -15.51 20.61
N ILE A 306 11.00 -15.98 20.30
CA ILE A 306 11.85 -16.67 21.27
C ILE A 306 12.85 -15.67 21.83
N GLU A 307 13.12 -15.80 23.13
CA GLU A 307 13.99 -14.83 23.81
C GLU A 307 15.43 -14.91 23.29
N ASP A 308 15.89 -16.10 22.92
CA ASP A 308 17.26 -16.26 22.46
C ASP A 308 17.48 -15.46 21.18
N ARG A 309 18.61 -14.76 21.12
CA ARG A 309 18.92 -13.96 19.94
C ARG A 309 19.42 -14.81 18.77
N ASP A 310 20.13 -15.90 19.06
CA ASP A 310 20.71 -16.70 17.98
C ASP A 310 19.63 -17.47 17.21
N GLU A 311 18.70 -18.10 17.93
CA GLU A 311 17.62 -18.82 17.25
C GLU A 311 16.71 -17.86 16.50
N LEU A 312 16.44 -16.69 17.08
CA LEU A 312 15.67 -15.68 16.38
C LEU A 312 16.41 -15.20 15.13
N ALA A 313 17.74 -15.08 15.21
CA ALA A 313 18.52 -14.73 14.04
C ALA A 313 18.40 -15.80 12.97
N TYR A 314 18.42 -17.07 13.36
CA TYR A 314 18.28 -18.14 12.38
C TYR A 314 16.91 -18.08 11.71
N HIS A 315 15.85 -17.83 12.48
CA HIS A 315 14.52 -17.75 11.90
C HIS A 315 14.40 -16.55 10.95
N ILE A 316 14.94 -15.40 11.35
CA ILE A 316 14.95 -14.24 10.47
C ILE A 316 15.75 -14.54 9.21
N SER A 317 16.84 -15.31 9.36
CA SER A 317 17.63 -15.71 8.21
C SER A 317 16.80 -16.56 7.25
N ILE A 318 16.01 -17.48 7.80
CA ILE A 318 15.13 -18.30 6.96
C ILE A 318 14.17 -17.41 6.18
N MET A 319 13.56 -16.45 6.87
CA MET A 319 12.60 -15.58 6.19
C MET A 319 13.29 -14.77 5.09
N PHE A 320 14.45 -14.18 5.39
CA PHE A 320 15.13 -13.37 4.40
C PHE A 320 15.62 -14.21 3.22
N TYR A 321 16.02 -15.46 3.47
CA TYR A 321 16.38 -16.34 2.37
C TYR A 321 15.17 -16.64 1.49
N ILE A 322 14.02 -16.92 2.11
CA ILE A 322 12.84 -17.26 1.33
C ILE A 322 12.36 -16.05 0.53
N ILE A 323 12.69 -14.84 0.99
CA ILE A 323 12.32 -13.66 0.20
C ILE A 323 13.38 -13.35 -0.85
N GLY A 324 14.65 -13.54 -0.54
CA GLY A 324 15.70 -13.29 -1.51
C GLY A 324 15.64 -14.25 -2.69
N GLY A 325 15.33 -15.52 -2.42
CA GLY A 325 15.16 -16.47 -3.52
C GLY A 325 14.03 -16.07 -4.45
N VAL A 326 12.91 -15.63 -3.86
CA VAL A 326 11.78 -15.18 -4.67
C VAL A 326 12.16 -13.97 -5.49
N ALA A 327 12.86 -13.02 -4.87
CA ALA A 327 13.27 -11.82 -5.59
C ALA A 327 14.21 -12.16 -6.75
N THR A 328 15.16 -13.06 -6.53
CA THR A 328 16.07 -13.46 -7.59
C THR A 328 15.33 -14.17 -8.71
N LEU A 329 14.45 -15.10 -8.37
CA LEU A 329 13.69 -15.80 -9.41
C LEU A 329 12.86 -14.82 -10.22
N LEU A 330 12.24 -13.84 -9.55
CA LEU A 330 11.42 -12.88 -10.28
C LEU A 330 12.26 -11.91 -11.10
N LEU A 331 13.47 -11.60 -10.65
CA LEU A 331 14.38 -10.82 -11.48
C LEU A 331 14.75 -11.57 -12.74
N ILE A 332 15.05 -12.87 -12.61
CA ILE A 332 15.32 -13.67 -13.80
C ILE A 332 14.11 -13.67 -14.73
N LEU A 333 12.92 -13.83 -14.16
CA LEU A 333 11.70 -13.82 -14.97
C LEU A 333 11.51 -12.47 -15.66
N VAL A 334 11.88 -11.38 -14.99
CA VAL A 334 11.73 -10.06 -15.60
C VAL A 334 12.73 -9.87 -16.74
N ILE A 335 13.96 -10.35 -16.56
CA ILE A 335 14.94 -10.25 -17.63
C ILE A 335 14.52 -11.10 -18.83
N ILE A 336 13.88 -12.25 -18.57
CA ILE A 336 13.55 -13.15 -19.67
C ILE A 336 12.27 -12.70 -20.38
N VAL A 337 11.21 -12.47 -19.63
CA VAL A 337 9.87 -12.29 -20.22
C VAL A 337 9.56 -10.84 -20.55
N PHE A 338 10.05 -9.88 -19.76
CA PHE A 338 9.64 -8.49 -19.90
C PHE A 338 10.30 -7.85 -21.13
N LYS A 339 10.00 -8.41 -22.29
CA LYS A 339 10.56 -7.91 -23.54
C LYS A 339 10.05 -6.51 -23.84
N GLU A 340 10.95 -5.66 -24.33
CA GLU A 340 10.58 -4.30 -24.70
C GLU A 340 9.62 -4.33 -25.88
N LYS A 341 8.60 -3.48 -25.84
CA LYS A 341 7.61 -3.41 -26.89
C LYS A 341 7.07 -2.00 -27.04
N PRO A 342 7.30 -1.33 -28.17
CA PRO A 342 6.74 0.00 -28.37
C PRO A 342 5.30 -0.05 -28.85
N LYS A 343 4.63 1.09 -28.71
CA LYS A 343 3.27 1.22 -29.23
C LYS A 343 3.30 1.31 -30.75
N TYR A 344 2.14 1.04 -31.37
CA TYR A 344 2.06 0.98 -32.82
C TYR A 344 2.51 2.26 -33.50
N PRO A 345 2.10 3.47 -33.07
CA PRO A 345 2.54 4.70 -33.73
C PRO A 345 4.05 4.81 -33.89
N SER A 362 4.98 20.60 -19.51
CA SER A 362 3.63 20.05 -19.56
C SER A 362 3.19 19.57 -18.19
N TYR A 363 4.05 18.80 -17.52
CA TYR A 363 3.70 18.28 -16.21
C TYR A 363 3.40 19.40 -15.23
N LEU A 364 4.23 20.45 -15.23
CA LEU A 364 3.92 21.60 -14.39
C LEU A 364 2.59 22.24 -14.80
N GLY A 365 2.37 22.40 -16.10
CA GLY A 365 1.11 22.96 -16.55
C GLY A 365 -0.08 22.08 -16.21
N SER A 366 0.05 20.77 -16.42
CA SER A 366 -1.04 19.86 -16.10
C SER A 366 -1.34 19.89 -14.60
N ILE A 367 -0.31 19.90 -13.77
CA ILE A 367 -0.52 19.93 -12.33
C ILE A 367 -1.17 21.24 -11.92
N ALA A 368 -0.78 22.35 -12.54
CA ALA A 368 -1.43 23.62 -12.25
C ALA A 368 -2.90 23.58 -12.63
N ARG A 369 -3.21 23.04 -13.81
CA ARG A 369 -4.60 22.91 -14.22
C ARG A 369 -5.38 22.08 -13.20
N LEU A 370 -4.81 20.96 -12.75
CA LEU A 370 -5.49 20.10 -11.80
C LEU A 370 -5.73 20.83 -10.49
N PHE A 371 -4.69 21.44 -9.93
CA PHE A 371 -4.84 22.14 -8.66
C PHE A 371 -5.80 23.31 -8.77
N LYS A 372 -5.98 23.87 -9.97
CA LYS A 372 -7.03 24.85 -10.16
C LYS A 372 -8.42 24.23 -9.97
N ASN A 373 -8.52 22.90 -9.99
CA ASN A 373 -9.78 22.20 -9.78
C ASN A 373 -9.87 21.85 -8.30
N LEU A 374 -10.67 22.62 -7.56
CA LEU A 374 -10.76 22.40 -6.11
C LEU A 374 -11.36 21.03 -5.80
N ASN A 375 -12.22 20.51 -6.66
CA ASN A 375 -12.78 19.18 -6.43
C ASN A 375 -11.68 18.13 -6.41
N PHE A 376 -10.73 18.22 -7.32
CA PHE A 376 -9.62 17.28 -7.31
C PHE A 376 -8.78 17.45 -6.06
N VAL A 377 -8.64 18.68 -5.57
CA VAL A 377 -7.90 18.91 -4.33
C VAL A 377 -8.60 18.23 -3.16
N LEU A 378 -9.92 18.38 -3.08
CA LEU A 378 -10.66 17.72 -2.01
C LEU A 378 -10.53 16.21 -2.10
N LEU A 379 -10.61 15.66 -3.32
CA LEU A 379 -10.44 14.23 -3.49
C LEU A 379 -9.04 13.80 -3.07
N VAL A 380 -8.03 14.60 -3.41
CA VAL A 380 -6.65 14.28 -3.02
C VAL A 380 -6.53 14.22 -1.51
N ILE A 381 -7.09 15.22 -0.82
CA ILE A 381 -6.99 15.26 0.64
C ILE A 381 -7.72 14.08 1.26
N THR A 382 -8.92 13.77 0.76
CA THR A 382 -9.68 12.65 1.33
C THR A 382 -8.98 11.32 1.09
N TYR A 383 -8.46 11.12 -0.13
CA TYR A 383 -7.73 9.89 -0.41
C TYR A 383 -6.47 9.80 0.43
N GLY A 384 -5.80 10.93 0.63
CA GLY A 384 -4.65 10.93 1.53
C GLY A 384 -5.04 10.50 2.93
N LEU A 385 -6.13 11.05 3.45
CA LEU A 385 -6.58 10.67 4.78
C LEU A 385 -6.83 9.17 4.85
N ASN A 386 -7.60 8.64 3.91
CA ASN A 386 -7.97 7.23 3.97
C ASN A 386 -6.75 6.33 3.81
N ALA A 387 -5.93 6.58 2.79
CA ALA A 387 -4.78 5.73 2.54
C ALA A 387 -3.75 5.83 3.67
N GLY A 388 -3.55 7.03 4.21
CA GLY A 388 -2.64 7.16 5.33
C GLY A 388 -3.15 6.47 6.58
N ALA A 389 -4.46 6.52 6.81
CA ALA A 389 -5.03 5.76 7.91
C ALA A 389 -4.78 4.27 7.71
N PHE A 390 -4.97 3.78 6.49
CA PHE A 390 -4.72 2.37 6.22
C PHE A 390 -3.27 2.01 6.45
N TYR A 391 -2.34 2.84 5.97
CA TYR A 391 -0.92 2.55 6.12
C TYR A 391 -0.51 2.58 7.59
N ALA A 392 -0.97 3.58 8.35
CA ALA A 392 -0.64 3.66 9.76
C ALA A 392 -1.22 2.47 10.52
N LEU A 393 -2.47 2.10 10.20
CA LEU A 393 -3.07 0.96 10.86
C LEU A 393 -2.31 -0.33 10.54
N SER A 394 -1.90 -0.50 9.29
CA SER A 394 -1.14 -1.69 8.92
C SER A 394 0.21 -1.72 9.63
N THR A 395 0.90 -0.57 9.68
CA THR A 395 2.22 -0.54 10.31
C THR A 395 2.11 -0.81 11.81
N LEU A 396 1.10 -0.24 12.46
CA LEU A 396 0.97 -0.32 13.92
C LEU A 396 0.06 -1.45 14.37
N LEU A 397 -0.41 -2.30 13.46
CA LEU A 397 -1.36 -3.33 13.85
C LEU A 397 -0.76 -4.26 14.90
N ASN A 398 0.50 -4.66 14.72
CA ASN A 398 1.13 -5.52 15.70
C ASN A 398 1.24 -4.83 17.05
N ARG A 399 1.63 -3.56 17.07
CA ARG A 399 1.84 -2.88 18.35
C ARG A 399 0.58 -2.83 19.18
N MET A 400 -0.54 -2.38 18.59
CA MET A 400 -1.77 -2.29 19.36
C MET A 400 -2.33 -3.67 19.67
N VAL A 401 -2.38 -4.55 18.67
CA VAL A 401 -3.01 -5.85 18.85
C VAL A 401 -2.31 -6.65 19.93
N ILE A 402 -0.97 -6.69 19.89
CA ILE A 402 -0.24 -7.50 20.85
C ILE A 402 -0.35 -6.91 22.25
N TRP A 403 -0.57 -5.60 22.36
CA TRP A 403 -0.69 -4.99 23.67
C TRP A 403 -1.86 -5.58 24.44
N HIS A 404 -3.00 -5.76 23.78
CA HIS A 404 -4.19 -6.31 24.42
C HIS A 404 -4.25 -7.83 24.35
N TYR A 405 -3.45 -8.45 23.48
CA TYR A 405 -3.53 -9.89 23.22
C TYR A 405 -2.12 -10.47 23.26
N PRO A 406 -1.56 -10.65 24.46
CA PRO A 406 -0.16 -11.08 24.54
C PRO A 406 0.06 -12.43 23.89
N GLY A 407 1.22 -12.56 23.24
CA GLY A 407 1.58 -13.85 22.65
C GLY A 407 0.63 -14.33 21.58
N GLU A 408 0.20 -13.44 20.69
CA GLU A 408 -0.72 -13.77 19.60
C GLU A 408 -0.23 -13.14 18.30
N GLU A 409 1.06 -13.24 18.04
CA GLU A 409 1.63 -12.63 16.85
C GLU A 409 1.08 -13.27 15.58
N VAL A 410 0.96 -14.59 15.56
CA VAL A 410 0.40 -15.26 14.39
C VAL A 410 -1.03 -14.81 14.15
N ASN A 411 -1.79 -14.61 15.23
CA ASN A 411 -3.15 -14.12 15.07
C ASN A 411 -3.17 -12.66 14.61
N ALA A 412 -2.17 -11.87 15.00
CA ALA A 412 -2.06 -10.53 14.43
C ALA A 412 -1.83 -10.59 12.93
N GLY A 413 -0.97 -11.50 12.50
CA GLY A 413 -0.77 -11.68 11.07
C GLY A 413 -2.04 -12.11 10.36
N ARG A 414 -2.81 -13.02 10.98
CA ARG A 414 -4.06 -13.44 10.38
C ARG A 414 -5.08 -12.31 10.34
N ILE A 415 -5.09 -11.44 11.35
CA ILE A 415 -5.98 -10.28 11.32
C ILE A 415 -5.60 -9.36 10.16
N GLY A 416 -4.30 -9.13 9.97
CA GLY A 416 -3.87 -8.34 8.83
C GLY A 416 -4.27 -8.97 7.51
N LEU A 417 -4.09 -10.28 7.39
CA LEU A 417 -4.51 -10.99 6.18
C LEU A 417 -6.00 -10.81 5.94
N THR A 418 -6.80 -10.92 7.00
CA THR A 418 -8.24 -10.75 6.85
C THR A 418 -8.56 -9.33 6.39
N ILE A 419 -7.90 -8.33 6.97
CA ILE A 419 -8.15 -6.96 6.55
C ILE A 419 -7.87 -6.81 5.07
N VAL A 420 -6.70 -7.30 4.62
CA VAL A 420 -6.32 -7.07 3.22
C VAL A 420 -7.22 -7.86 2.28
N ILE A 421 -7.58 -9.09 2.65
CA ILE A 421 -8.40 -9.92 1.76
C ILE A 421 -9.81 -9.34 1.65
N ALA A 422 -10.40 -8.94 2.78
CA ALA A 422 -11.67 -8.25 2.72
C ALA A 422 -11.55 -6.97 1.91
N GLY A 423 -10.40 -6.32 1.97
CA GLY A 423 -10.18 -5.14 1.15
C GLY A 423 -10.23 -5.45 -0.33
N MET A 424 -9.58 -6.53 -0.75
CA MET A 424 -9.62 -6.93 -2.16
C MET A 424 -11.05 -7.26 -2.57
N LEU A 425 -11.78 -7.98 -1.72
CA LEU A 425 -13.16 -8.31 -2.04
C LEU A 425 -14.01 -7.05 -2.19
N GLY A 426 -13.84 -6.09 -1.28
CA GLY A 426 -14.58 -4.84 -1.38
C GLY A 426 -14.18 -4.04 -2.61
N ALA A 427 -12.90 -4.09 -2.99
CA ALA A 427 -12.48 -3.42 -4.20
C ALA A 427 -13.14 -4.02 -5.43
N VAL A 428 -13.24 -5.36 -5.47
CA VAL A 428 -13.93 -6.00 -6.58
C VAL A 428 -15.39 -5.56 -6.62
N ILE A 429 -16.05 -5.56 -5.47
CA ILE A 429 -17.46 -5.19 -5.42
C ILE A 429 -17.64 -3.74 -5.88
N SER A 430 -16.80 -2.83 -5.40
CA SER A 430 -16.92 -1.43 -5.78
C SER A 430 -16.64 -1.23 -7.26
N GLY A 431 -15.65 -1.94 -7.81
CA GLY A 431 -15.40 -1.84 -9.23
C GLY A 431 -16.58 -2.31 -10.07
N ILE A 432 -17.18 -3.43 -9.68
CA ILE A 432 -18.36 -3.91 -10.40
C ILE A 432 -19.49 -2.90 -10.29
N TRP A 433 -19.70 -2.34 -9.10
CA TRP A 433 -20.77 -1.36 -8.92
C TRP A 433 -20.55 -0.13 -9.79
N LEU A 434 -19.31 0.36 -9.84
CA LEU A 434 -19.02 1.54 -10.66
C LEU A 434 -19.17 1.24 -12.15
N ASP A 435 -18.73 0.06 -12.58
CA ASP A 435 -18.88 -0.30 -13.99
C ASP A 435 -20.35 -0.42 -14.38
N ARG A 436 -21.15 -1.05 -13.53
CA ARG A 436 -22.57 -1.22 -13.85
C ARG A 436 -23.29 0.11 -13.84
N SER A 437 -23.11 0.90 -12.77
CA SER A 437 -23.76 2.19 -12.63
C SER A 437 -22.70 3.25 -12.35
N LYS A 438 -22.97 4.47 -12.82
CA LYS A 438 -21.98 5.53 -12.85
C LYS A 438 -22.00 6.44 -11.63
N THR A 439 -22.70 6.08 -10.57
CA THR A 439 -22.71 6.92 -9.37
C THR A 439 -21.36 6.82 -8.68
N TYR A 440 -20.63 7.94 -8.66
CA TYR A 440 -19.31 8.01 -8.04
C TYR A 440 -19.34 8.75 -6.70
N LYS A 441 -19.94 9.93 -6.65
CA LYS A 441 -19.97 10.68 -5.40
C LYS A 441 -20.70 9.91 -4.31
N GLU A 442 -21.86 9.36 -4.64
CA GLU A 442 -22.63 8.60 -3.66
C GLU A 442 -21.87 7.37 -3.20
N THR A 443 -21.25 6.66 -4.14
CA THR A 443 -20.49 5.47 -3.78
C THR A 443 -19.34 5.82 -2.84
N THR A 444 -18.60 6.87 -3.18
CA THR A 444 -17.47 7.26 -2.33
C THR A 444 -17.94 7.73 -0.96
N LEU A 445 -19.04 8.48 -0.91
CA LEU A 445 -19.55 8.95 0.37
C LEU A 445 -19.94 7.78 1.25
N VAL A 446 -20.68 6.81 0.70
CA VAL A 446 -21.12 5.67 1.49
C VAL A 446 -19.92 4.82 1.90
N VAL A 447 -18.94 4.67 1.01
CA VAL A 447 -17.75 3.89 1.34
C VAL A 447 -17.00 4.53 2.49
N TYR A 448 -16.83 5.86 2.45
CA TYR A 448 -16.12 6.54 3.52
C TYR A 448 -16.89 6.47 4.84
N ILE A 449 -18.22 6.64 4.78
CA ILE A 449 -19.02 6.57 6.00
C ILE A 449 -18.92 5.18 6.61
N MET A 450 -18.98 4.14 5.78
CA MET A 450 -18.87 2.77 6.30
C MET A 450 -17.46 2.51 6.82
N THR A 451 -16.44 3.09 6.20
CA THR A 451 -15.09 2.96 6.72
C THR A 451 -14.98 3.60 8.09
N LEU A 452 -15.58 4.77 8.28
CA LEU A 452 -15.56 5.41 9.59
C LEU A 452 -16.30 4.56 10.62
N VAL A 453 -17.45 4.01 10.25
CA VAL A 453 -18.21 3.17 11.18
C VAL A 453 -17.39 1.93 11.55
N GLY A 454 -16.78 1.29 10.56
CA GLY A 454 -15.94 0.15 10.86
C GLY A 454 -14.77 0.51 11.74
N MET A 455 -14.17 1.67 11.51
CA MET A 455 -13.04 2.08 12.34
C MET A 455 -13.45 2.30 13.78
N VAL A 456 -14.60 2.95 14.00
CA VAL A 456 -15.03 3.16 15.39
C VAL A 456 -15.37 1.83 16.04
N VAL A 457 -16.03 0.93 15.31
CA VAL A 457 -16.36 -0.38 15.88
C VAL A 457 -15.09 -1.14 16.24
N TYR A 458 -14.11 -1.13 15.33
CA TYR A 458 -12.85 -1.82 15.58
C TYR A 458 -12.12 -1.22 16.77
N THR A 459 -12.13 0.11 16.89
CA THR A 459 -11.45 0.77 18.00
C THR A 459 -12.10 0.43 19.33
N PHE A 460 -13.43 0.45 19.38
CA PHE A 460 -14.13 0.28 20.65
C PHE A 460 -14.51 -1.17 20.93
N THR A 461 -14.13 -2.12 20.07
CA THR A 461 -14.25 -3.53 20.38
C THR A 461 -12.91 -4.24 20.41
N LEU A 462 -11.81 -3.55 20.10
CA LEU A 462 -10.50 -4.18 20.15
C LEU A 462 -10.16 -4.62 21.57
N ASN A 463 -10.41 -3.75 22.55
CA ASN A 463 -10.09 -4.04 23.94
C ASN A 463 -11.30 -4.72 24.58
N LEU A 464 -11.52 -5.97 24.20
CA LEU A 464 -12.56 -6.79 24.80
C LEU A 464 -12.11 -8.19 25.17
N GLY A 465 -10.91 -8.62 24.76
CA GLY A 465 -10.35 -9.88 25.18
C GLY A 465 -10.58 -11.03 24.22
N HIS A 466 -11.55 -10.92 23.32
CA HIS A 466 -11.89 -11.96 22.38
C HIS A 466 -11.55 -11.50 20.97
N LEU A 467 -10.75 -12.29 20.25
CA LEU A 467 -10.56 -12.05 18.83
C LEU A 467 -11.80 -12.40 18.03
N TRP A 468 -12.76 -13.08 18.65
CA TRP A 468 -14.06 -13.30 18.02
C TRP A 468 -14.64 -12.00 17.49
N VAL A 469 -14.48 -10.90 18.23
CA VAL A 469 -15.01 -9.61 17.84
C VAL A 469 -13.89 -8.70 17.30
N VAL A 470 -12.70 -9.25 17.05
CA VAL A 470 -11.64 -8.50 16.41
C VAL A 470 -11.44 -8.90 14.97
N PHE A 471 -11.41 -10.20 14.65
CA PHE A 471 -11.33 -10.62 13.27
C PHE A 471 -12.48 -10.04 12.45
N ILE A 472 -13.70 -10.19 12.95
CA ILE A 472 -14.88 -9.77 12.19
C ILE A 472 -14.87 -8.26 11.98
N THR A 473 -14.59 -7.51 13.04
CA THR A 473 -14.60 -6.04 12.91
C THR A 473 -13.49 -5.56 12.00
N ALA A 474 -12.29 -6.14 12.14
CA ALA A 474 -11.19 -5.74 11.26
C ALA A 474 -11.52 -6.05 9.81
N GLY A 475 -12.09 -7.21 9.55
CA GLY A 475 -12.46 -7.55 8.18
C GLY A 475 -13.51 -6.63 7.62
N THR A 476 -14.59 -6.39 8.39
CA THR A 476 -15.69 -5.59 7.88
C THR A 476 -15.32 -4.11 7.77
N MET A 477 -14.28 -3.66 8.48
CA MET A 477 -13.81 -2.30 8.27
C MET A 477 -12.85 -2.23 7.11
N GLY A 478 -11.85 -3.12 7.07
CA GLY A 478 -10.92 -3.12 5.97
C GLY A 478 -11.58 -3.32 4.63
N PHE A 479 -12.69 -4.05 4.59
CA PHE A 479 -13.48 -4.19 3.38
C PHE A 479 -13.64 -2.85 2.68
N PHE A 480 -14.29 -1.90 3.34
CA PHE A 480 -14.50 -0.59 2.74
C PHE A 480 -13.22 0.23 2.73
N MET A 481 -12.44 0.18 3.82
CA MET A 481 -11.26 1.02 3.91
C MET A 481 -10.26 0.75 2.79
N THR A 482 -10.33 -0.44 2.18
CA THR A 482 -9.47 -0.77 1.06
C THR A 482 -10.20 -0.81 -0.27
N GLY A 483 -11.52 -1.05 -0.28
CA GLY A 483 -12.27 -0.85 -1.49
C GLY A 483 -12.33 0.59 -1.93
N TYR A 484 -12.08 1.52 -1.00
CA TYR A 484 -12.04 2.94 -1.37
C TYR A 484 -10.84 3.27 -2.23
N LEU A 485 -9.77 2.46 -2.16
CA LEU A 485 -8.53 2.83 -2.83
C LEU A 485 -8.70 2.91 -4.35
N PRO A 486 -9.00 1.82 -5.06
CA PRO A 486 -9.23 1.96 -6.51
C PRO A 486 -10.35 2.94 -6.83
N LEU A 487 -11.36 3.02 -5.97
CA LEU A 487 -12.44 3.96 -6.18
C LEU A 487 -11.93 5.40 -6.19
N GLY A 488 -10.92 5.71 -5.37
CA GLY A 488 -10.35 7.04 -5.39
C GLY A 488 -9.71 7.38 -6.72
N PHE A 489 -8.91 6.46 -7.26
CA PHE A 489 -8.30 6.69 -8.56
C PHE A 489 -9.38 6.88 -9.63
N GLU A 490 -10.40 6.03 -9.61
CA GLU A 490 -11.46 6.14 -10.61
C GLU A 490 -12.16 7.48 -10.51
N PHE A 491 -12.46 7.92 -9.29
CA PHE A 491 -13.14 9.19 -9.11
C PHE A 491 -12.25 10.35 -9.57
N ALA A 492 -10.94 10.23 -9.35
CA ALA A 492 -10.02 11.26 -9.80
C ALA A 492 -10.02 11.36 -11.33
N VAL A 493 -9.95 10.23 -12.01
CA VAL A 493 -10.01 10.28 -13.48
C VAL A 493 -11.34 10.87 -13.94
N GLU A 494 -12.44 10.45 -13.31
CA GLU A 494 -13.74 10.98 -13.69
C GLU A 494 -13.78 12.50 -13.53
N LEU A 495 -13.25 13.00 -12.41
CA LEU A 495 -13.28 14.44 -12.17
C LEU A 495 -12.34 15.20 -13.09
N THR A 496 -11.29 14.55 -13.58
CA THR A 496 -10.23 15.24 -14.32
C THR A 496 -9.88 14.48 -15.60
N TYR A 497 -10.89 14.13 -16.38
CA TYR A 497 -10.65 13.29 -17.56
C TYR A 497 -9.66 13.91 -18.55
N PRO A 498 -9.78 15.18 -18.93
CA PRO A 498 -8.88 15.70 -19.99
C PRO A 498 -7.41 15.52 -19.65
N GLU A 499 -7.03 15.68 -18.39
CA GLU A 499 -5.64 15.52 -18.00
C GLU A 499 -5.29 14.03 -17.91
N SER A 500 -3.99 13.76 -18.01
CA SER A 500 -3.53 12.38 -17.99
C SER A 500 -3.89 11.71 -16.67
N GLU A 501 -4.26 10.43 -16.75
CA GLU A 501 -4.56 9.68 -15.53
C GLU A 501 -3.31 9.44 -14.70
N GLY A 502 -2.14 9.38 -15.35
CA GLY A 502 -0.92 9.14 -14.61
C GLY A 502 -0.63 10.20 -13.58
N ILE A 503 -0.80 11.47 -13.94
CA ILE A 503 -0.52 12.55 -13.02
C ILE A 503 -1.48 12.51 -11.83
N SER A 504 -2.76 12.28 -12.11
CA SER A 504 -3.73 12.21 -11.01
C SER A 504 -3.42 11.05 -10.08
N SER A 505 -3.10 9.88 -10.64
CA SER A 505 -2.74 8.75 -9.80
C SER A 505 -1.51 9.05 -8.97
N GLY A 506 -0.51 9.69 -9.59
CA GLY A 506 0.69 10.04 -8.84
C GLY A 506 0.41 11.01 -7.70
N LEU A 507 -0.42 12.02 -7.95
CA LEU A 507 -0.74 12.96 -6.89
C LEU A 507 -1.53 12.30 -5.77
N LEU A 508 -2.48 11.43 -6.11
CA LEU A 508 -3.21 10.70 -5.08
C LEU A 508 -2.26 9.84 -4.26
N ASN A 509 -1.33 9.16 -4.95
CA ASN A 509 -0.37 8.33 -4.22
C ASN A 509 0.52 9.17 -3.31
N ILE A 510 0.99 10.33 -3.79
CA ILE A 510 1.85 11.18 -2.98
C ILE A 510 1.10 11.66 -1.75
N SER A 511 -0.15 12.07 -1.91
CA SER A 511 -0.95 12.46 -0.76
C SER A 511 -1.12 11.31 0.20
N ALA A 512 -1.34 10.11 -0.33
CA ALA A 512 -1.45 8.92 0.51
C ALA A 512 -0.17 8.72 1.34
N GLN A 513 0.99 8.83 0.70
CA GLN A 513 2.24 8.64 1.42
C GLN A 513 2.43 9.71 2.49
N VAL A 514 2.14 10.98 2.16
CA VAL A 514 2.34 12.05 3.13
C VAL A 514 1.45 11.85 4.34
N PHE A 515 0.15 11.64 4.10
CA PHE A 515 -0.76 11.44 5.22
C PHE A 515 -0.44 10.16 5.98
N GLY A 516 0.10 9.15 5.29
CA GLY A 516 0.51 7.94 5.99
C GLY A 516 1.68 8.18 6.91
N ILE A 517 2.67 8.95 6.46
CA ILE A 517 3.79 9.31 7.34
C ILE A 517 3.26 10.04 8.57
N ILE A 518 2.43 11.06 8.35
CA ILE A 518 1.95 11.86 9.47
C ILE A 518 1.17 10.98 10.44
N PHE A 519 0.24 10.19 9.91
CA PHE A 519 -0.60 9.35 10.78
C PHE A 519 0.23 8.32 11.52
N THR A 520 1.18 7.68 10.83
CA THR A 520 1.98 6.65 11.48
C THR A 520 2.80 7.23 12.62
N ILE A 521 3.50 8.33 12.36
CA ILE A 521 4.34 8.93 13.41
C ILE A 521 3.46 9.39 14.58
N SER A 522 2.38 10.11 14.28
CA SER A 522 1.54 10.65 15.34
C SER A 522 0.91 9.53 16.17
N GLN A 523 0.38 8.50 15.51
CA GLN A 523 -0.28 7.42 16.22
C GLN A 523 0.73 6.57 16.99
N GLY A 524 1.94 6.41 16.47
CA GLY A 524 2.96 5.71 17.24
C GLY A 524 3.32 6.45 18.51
N GLN A 525 3.50 7.77 18.40
CA GLN A 525 3.77 8.55 19.61
C GLN A 525 2.60 8.49 20.58
N ILE A 526 1.37 8.56 20.07
CA ILE A 526 0.20 8.54 20.93
C ILE A 526 0.06 7.17 21.61
N ILE A 527 0.41 6.10 20.91
CA ILE A 527 0.36 4.78 21.53
C ILE A 527 1.44 4.65 22.59
N ASP A 528 2.63 5.20 22.32
CA ASP A 528 3.70 5.13 23.30
C ASP A 528 3.36 5.88 24.58
N ASN A 529 2.77 7.08 24.45
CA ASN A 529 2.62 7.98 25.59
C ASN A 529 1.23 8.00 26.20
N TYR A 530 0.20 7.50 25.51
CA TYR A 530 -1.17 7.67 25.96
C TYR A 530 -1.96 6.37 25.92
N GLY A 531 -1.57 5.45 25.05
CA GLY A 531 -2.22 4.16 24.92
C GLY A 531 -2.79 3.95 23.53
N THR A 532 -3.33 2.75 23.33
CA THR A 532 -3.89 2.38 22.03
C THR A 532 -5.16 3.16 21.74
N LYS A 533 -6.03 3.30 22.74
CA LYS A 533 -7.30 3.98 22.50
C LYS A 533 -7.13 5.41 22.02
N PRO A 534 -6.30 6.26 22.65
CA PRO A 534 -6.16 7.62 22.13
C PRO A 534 -5.67 7.66 20.70
N GLY A 535 -4.76 6.77 20.32
CA GLY A 535 -4.32 6.73 18.93
C GLY A 535 -5.44 6.35 17.99
N ASN A 536 -6.23 5.36 18.36
CA ASN A 536 -7.33 4.96 17.49
C ASN A 536 -8.42 6.04 17.40
N ILE A 537 -8.69 6.76 18.50
CA ILE A 537 -9.61 7.89 18.41
C ILE A 537 -9.02 8.99 17.54
N PHE A 538 -7.70 9.20 17.60
CA PHE A 538 -7.08 10.16 16.69
C PHE A 538 -7.34 9.78 15.23
N LEU A 539 -7.09 8.51 14.90
CA LEU A 539 -7.32 8.04 13.53
C LEU A 539 -8.79 8.19 13.15
N CYS A 540 -9.70 7.85 14.07
CA CYS A 540 -11.12 7.94 13.78
C CYS A 540 -11.56 9.38 13.54
N VAL A 541 -11.01 10.32 14.33
CA VAL A 541 -11.35 11.73 14.15
C VAL A 541 -10.89 12.20 12.78
N PHE A 542 -9.67 11.83 12.40
CA PHE A 542 -9.19 12.24 11.08
C PHE A 542 -10.03 11.60 9.97
N LEU A 543 -10.43 10.35 10.15
CA LEU A 543 -11.23 9.68 9.12
C LEU A 543 -12.61 10.31 8.99
N THR A 544 -13.22 10.71 10.10
CA THR A 544 -14.52 11.36 10.00
C THR A 544 -14.39 12.75 9.38
N LEU A 545 -13.29 13.46 9.67
CA LEU A 545 -13.06 14.72 8.97
C LEU A 545 -12.94 14.49 7.46
N GLY A 546 -12.22 13.45 7.07
CA GLY A 546 -12.14 13.11 5.65
C GLY A 546 -13.48 12.77 5.06
N ALA A 547 -14.31 12.03 5.80
CA ALA A 547 -15.65 11.69 5.32
C ALA A 547 -16.48 12.93 5.11
N ALA A 548 -16.42 13.88 6.05
CA ALA A 548 -17.15 15.13 5.87
C ALA A 548 -16.64 15.89 4.65
N LEU A 549 -15.32 15.96 4.47
CA LEU A 549 -14.79 16.65 3.29
C LEU A 549 -15.26 16.00 2.00
N THR A 550 -15.24 14.67 1.94
CA THR A 550 -15.73 13.98 0.75
C THR A 550 -17.21 14.28 0.52
N ALA A 551 -18.00 14.25 1.59
CA ALA A 551 -19.42 14.60 1.47
C ALA A 551 -19.60 16.03 0.99
N PHE A 552 -18.60 16.89 1.20
CA PHE A 552 -18.63 18.26 0.71
C PHE A 552 -18.02 18.39 -0.69
N ILE A 553 -18.04 17.34 -1.49
CA ILE A 553 -17.43 17.32 -2.81
C ILE A 553 -18.52 17.42 -3.86
N LYS A 554 -18.30 18.28 -4.86
CA LYS A 554 -19.22 18.42 -5.98
C LYS A 554 -18.71 17.58 -7.14
N ALA A 555 -19.55 16.68 -7.65
CA ALA A 555 -19.15 15.72 -8.66
C ALA A 555 -19.43 16.28 -10.05
N ASP A 556 -18.43 16.95 -10.61
CA ASP A 556 -18.47 17.40 -12.01
C ASP A 556 -17.81 16.32 -12.83
N LEU A 557 -18.58 15.27 -13.14
CA LEU A 557 -18.04 14.10 -13.83
C LEU A 557 -17.72 14.48 -15.26
N ARG A 558 -16.45 14.78 -15.54
CA ARG A 558 -16.05 15.19 -16.88
C ARG A 558 -15.94 14.00 -17.82
N ARG A 559 -15.48 12.85 -17.33
CA ARG A 559 -15.37 11.68 -18.20
C ARG A 559 -16.73 11.26 -18.73
N GLN A 560 -17.73 11.18 -17.85
CA GLN A 560 -19.07 10.80 -18.29
C GLN A 560 -19.64 11.83 -19.26
N LYS A 561 -19.49 13.12 -18.94
CA LYS A 561 -20.00 14.16 -19.82
C LYS A 561 -19.29 14.12 -21.17
N ALA A 562 -17.97 13.94 -21.16
CA ALA A 562 -17.23 13.91 -22.42
C ALA A 562 -17.60 12.69 -23.25
N ASN A 563 -17.60 11.50 -22.65
CA ASN A 563 -17.93 10.29 -23.39
C ASN A 563 -19.38 10.30 -23.86
N LYS A 564 -20.22 11.15 -23.27
CA LYS A 564 -21.60 11.28 -23.72
C LYS A 564 -21.70 11.98 -25.07
N GLU A 565 -20.59 12.52 -25.59
CA GLU A 565 -20.62 13.24 -26.85
C GLU A 565 -21.44 12.51 -27.90
N THR A 566 -21.04 11.29 -28.25
CA THR A 566 -21.75 10.51 -29.26
C THR A 566 -21.10 9.14 -29.41
#